data_5ZEY
#
_entry.id   5ZEY
#
loop_
_entity.id
_entity.type
_entity.pdbx_description
1 polymer tmRNA
2 polymer A-tRNAfMet
3 polymer 'SsrA-binding protein'
#
loop_
_entity_poly.entity_id
_entity_poly.type
_entity_poly.pdbx_seq_one_letter_code
_entity_poly.pdbx_strand_id
1 'polyribonucleotide'
;GGGGCUGAACGGUUUCGACUUCGAGCAUCGAAUCCAGGGAAGCGUGCCGGUGCAGGCAAGAGACCACCGUAAGCGUCGUU
GCAACCAAUUAAGCGCCGAUUCCAAUCAGCGCGACUACGCCCUCGCUGCCUAAGCGACGGCUGGUCUGUCAGACCGGGAG
UGCCCUCGGCCCGGAUCCUGGCAUCAGCUAGAGGGACCCACCCACGGGUUCGGUCGCGGGACCUGUGGGGACAUCAAACA
GCGACUGGGAUCGUCAUCUCGGCUUGUUCGUGUGACCGGGAGAUCCGAGUAGAGACAUAGCGAACUGCGCACGGAGAAGC
CUCGAGGACAUGCCGUAGGACCCGGGUUCAAUUCCCGGCAGCUCCACCA
;
A
2 'polyribonucleotide' CGCGGGGUGGAGCAGCCUGGUAGCUCGUCGGGCUCAUAACCCGAAGAUCGUCGGUUCAAAUCCGGCCCCCGCAACCA B
3 'polypeptide(L)'
;MTKKSASSNNKVVATNRKARHNYTILDTYEAGIVLMGTEVKSLREGQASLADAFATVDDGEIWLRNVHIAEYHHGTWTNH
APRRNRKLLLHRKQIDNLIGKIRDGNLTLVPLSIYFTDGKVKVELALARGKQAHDKRQDLARRDAQREVIRELGRRAKGK
I
;
C
#
# COMPACT_ATOMS: atom_id res chain seq x y z
N MET C 1 -10.60 -7.28 17.66
CA MET C 1 -11.21 -6.82 16.42
C MET C 1 -10.59 -7.52 15.22
N THR C 2 -11.11 -8.71 14.90
CA THR C 2 -10.58 -9.49 13.77
C THR C 2 -11.30 -9.09 12.48
N LYS C 3 -12.58 -9.46 12.37
CA LYS C 3 -13.36 -9.12 11.17
C LYS C 3 -14.84 -9.11 11.59
N LYS C 4 -15.29 -7.94 12.05
CA LYS C 4 -16.66 -7.72 12.49
C LYS C 4 -17.05 -8.70 13.60
N SER C 5 -16.81 -8.30 14.86
CA SER C 5 -17.10 -9.12 16.03
C SER C 5 -16.45 -10.49 15.93
N ALA C 6 -17.16 -11.47 15.38
CA ALA C 6 -16.63 -12.82 15.22
C ALA C 6 -17.30 -13.45 14.00
N SER C 7 -16.65 -13.31 12.85
CA SER C 7 -17.19 -13.87 11.60
C SER C 7 -16.14 -14.56 10.73
N SER C 8 -14.91 -14.08 10.66
CA SER C 8 -13.88 -14.69 9.84
C SER C 8 -12.53 -14.53 10.55
N ASN C 9 -11.49 -15.06 9.93
CA ASN C 9 -10.13 -14.99 10.46
C ASN C 9 -9.29 -14.14 9.52
N ASN C 10 -8.80 -13.00 10.02
CA ASN C 10 -8.00 -12.09 9.21
C ASN C 10 -7.14 -11.27 10.17
N LYS C 11 -5.89 -11.69 10.36
CA LYS C 11 -4.97 -11.00 11.26
C LYS C 11 -3.52 -11.25 10.85
N VAL C 12 -3.31 -12.28 10.04
CA VAL C 12 -1.97 -12.64 9.58
C VAL C 12 -1.47 -11.56 8.63
N VAL C 13 -0.15 -11.55 8.37
CA VAL C 13 0.52 -10.59 7.50
C VAL C 13 0.46 -9.20 8.13
N ALA C 14 1.62 -8.68 8.51
CA ALA C 14 1.68 -7.37 9.17
C ALA C 14 1.40 -6.25 8.17
N THR C 15 1.33 -5.04 8.69
CA THR C 15 1.04 -3.84 7.91
C THR C 15 2.31 -3.06 7.66
N ASN C 16 2.51 -2.64 6.41
CA ASN C 16 3.68 -1.84 6.07
C ASN C 16 3.58 -0.47 6.72
N ARG C 17 4.59 -0.14 7.53
CA ARG C 17 4.60 1.12 8.26
C ARG C 17 5.06 2.30 7.42
N LYS C 18 5.32 2.10 6.13
CA LYS C 18 5.79 3.21 5.29
C LYS C 18 4.66 4.19 4.99
N ALA C 19 3.42 3.70 4.89
CA ALA C 19 2.30 4.58 4.59
C ALA C 19 1.87 5.40 5.80
N ARG C 20 2.06 4.88 7.01
CA ARG C 20 1.67 5.58 8.23
C ARG C 20 2.76 6.51 8.75
N HIS C 21 3.84 6.71 7.99
CA HIS C 21 4.93 7.58 8.40
C HIS C 21 5.14 8.78 7.48
N ASN C 22 4.86 8.61 6.19
CA ASN C 22 5.02 9.69 5.23
C ASN C 22 3.68 10.28 4.80
N TYR C 23 2.59 9.71 5.31
CA TYR C 23 1.26 10.19 4.97
C TYR C 23 0.45 10.49 6.23
N THR C 24 -0.81 10.88 6.03
CA THR C 24 -1.69 11.20 7.15
C THR C 24 -2.98 10.41 7.08
N ILE C 25 -3.88 10.64 8.04
CA ILE C 25 -5.16 9.94 8.08
C ILE C 25 -6.29 10.84 7.57
N LEU C 26 -6.88 10.44 6.46
CA LEU C 26 -7.98 11.21 5.86
C LEU C 26 -8.99 10.28 5.20
N ASP C 27 -8.61 9.68 4.09
CA ASP C 27 -9.47 8.75 3.35
C ASP C 27 -8.90 7.34 3.44
N THR C 28 -9.79 6.36 3.44
CA THR C 28 -9.39 4.95 3.53
C THR C 28 -10.41 4.11 2.78
N TYR C 29 -9.95 3.45 1.72
CA TYR C 29 -10.78 2.58 0.89
C TYR C 29 -10.27 1.14 0.97
N GLU C 30 -11.00 0.24 0.32
CA GLU C 30 -10.64 -1.17 0.27
C GLU C 30 -10.66 -1.65 -1.18
N ALA C 31 -9.68 -2.48 -1.52
CA ALA C 31 -9.54 -3.01 -2.87
C ALA C 31 -9.04 -4.44 -2.78
N GLY C 32 -8.55 -4.96 -3.90
CA GLY C 32 -8.03 -6.32 -3.96
C GLY C 32 -7.13 -6.56 -5.15
N ILE C 33 -5.84 -6.77 -4.91
CA ILE C 33 -4.89 -6.99 -5.99
C ILE C 33 -5.12 -8.37 -6.59
N VAL C 34 -5.36 -8.41 -7.90
CA VAL C 34 -5.55 -9.68 -8.61
C VAL C 34 -4.18 -10.34 -8.75
N LEU C 35 -3.99 -11.47 -8.07
CA LEU C 35 -2.74 -12.20 -8.08
C LEU C 35 -2.96 -13.61 -8.60
N MET C 36 -1.86 -14.33 -8.84
CA MET C 36 -1.88 -15.68 -9.34
C MET C 36 -1.66 -16.66 -8.18
N GLY C 37 -1.62 -17.95 -8.50
CA GLY C 37 -1.42 -18.97 -7.50
C GLY C 37 -0.02 -19.02 -6.94
N THR C 38 0.96 -18.50 -7.68
CA THR C 38 2.34 -18.53 -7.19
C THR C 38 2.57 -17.48 -6.10
N GLU C 39 1.99 -16.29 -6.25
CA GLU C 39 2.17 -15.22 -5.29
C GLU C 39 1.41 -15.44 -3.99
N VAL C 40 0.58 -16.48 -3.90
CA VAL C 40 -0.15 -16.74 -2.67
C VAL C 40 0.78 -17.30 -1.61
N LYS C 41 1.60 -18.28 -1.98
CA LYS C 41 2.52 -18.91 -1.03
C LYS C 41 3.76 -18.05 -0.74
N SER C 42 3.93 -16.93 -1.42
CA SER C 42 5.08 -16.06 -1.20
C SER C 42 4.81 -14.96 -0.19
N LEU C 43 3.60 -14.91 0.38
CA LEU C 43 3.26 -13.88 1.37
C LEU C 43 2.69 -14.45 2.66
N ARG C 44 2.73 -15.77 2.85
CA ARG C 44 2.20 -16.36 4.07
C ARG C 44 3.22 -16.39 5.20
N GLU C 45 4.51 -16.33 4.89
CA GLU C 45 5.57 -16.35 5.89
C GLU C 45 5.97 -14.96 6.35
N GLY C 46 5.25 -13.92 5.93
CA GLY C 46 5.56 -12.57 6.33
C GLY C 46 6.78 -12.00 5.62
N GLN C 47 6.79 -12.09 4.29
CA GLN C 47 7.88 -11.60 3.46
C GLN C 47 7.37 -10.45 2.59
N ALA C 48 7.24 -9.28 3.18
CA ALA C 48 6.75 -8.10 2.47
C ALA C 48 7.95 -7.29 1.95
N SER C 49 7.71 -6.04 1.58
CA SER C 49 8.78 -5.18 1.07
C SER C 49 8.47 -3.74 1.42
N LEU C 50 9.52 -2.95 1.57
CA LEU C 50 9.37 -1.53 1.90
C LEU C 50 9.94 -0.65 0.80
N ALA C 51 9.42 -0.80 -0.42
CA ALA C 51 9.85 -0.05 -1.57
C ALA C 51 8.78 0.98 -1.95
N ASP C 52 9.11 1.84 -2.91
CA ASP C 52 8.18 2.86 -3.36
C ASP C 52 7.08 2.24 -4.21
N ALA C 53 5.93 2.92 -4.26
CA ALA C 53 4.80 2.46 -5.04
C ALA C 53 3.93 3.64 -5.42
N PHE C 54 3.38 3.60 -6.63
CA PHE C 54 2.51 4.66 -7.13
C PHE C 54 1.49 4.06 -8.08
N ALA C 55 0.29 4.62 -8.07
CA ALA C 55 -0.79 4.17 -8.93
C ALA C 55 -0.70 4.84 -10.30
N THR C 56 -1.47 4.29 -11.25
CA THR C 56 -1.49 4.82 -12.60
C THR C 56 -2.89 4.78 -13.19
N VAL C 57 -3.54 5.94 -13.24
CA VAL C 57 -4.89 6.05 -13.78
C VAL C 57 -4.91 5.77 -15.28
N ASP C 58 -5.65 4.74 -15.67
CA ASP C 58 -5.75 4.36 -17.09
C ASP C 58 -7.21 4.26 -17.52
N ASP C 59 -7.68 5.25 -18.26
CA ASP C 59 -9.06 5.27 -18.74
C ASP C 59 -10.05 5.32 -17.58
N GLY C 60 -10.41 4.16 -17.05
CA GLY C 60 -11.34 4.07 -15.94
C GLY C 60 -10.89 3.08 -14.88
N GLU C 61 -9.82 2.35 -15.17
CA GLU C 61 -9.29 1.36 -14.25
C GLU C 61 -8.03 1.87 -13.55
N ILE C 62 -7.67 1.23 -12.44
CA ILE C 62 -6.49 1.61 -11.68
C ILE C 62 -5.41 0.54 -11.78
N TRP C 63 -4.16 0.99 -11.97
CA TRP C 63 -3.04 0.07 -12.07
C TRP C 63 -1.91 0.48 -11.13
N LEU C 64 -1.81 -0.20 -9.99
CA LEU C 64 -0.77 0.09 -9.01
C LEU C 64 0.52 -0.55 -9.45
N ARG C 65 1.44 0.25 -9.99
CA ARG C 65 2.72 -0.25 -10.47
C ARG C 65 3.79 -0.07 -9.41
N ASN C 66 5.02 -0.47 -9.74
CA ASN C 66 6.17 -0.37 -8.85
C ASN C 66 5.92 -1.11 -7.54
N VAL C 67 6.08 -2.43 -7.54
CA VAL C 67 5.91 -3.24 -6.34
C VAL C 67 7.01 -4.30 -6.33
N HIS C 68 7.46 -4.67 -5.14
CA HIS C 68 8.50 -5.67 -4.97
C HIS C 68 7.95 -6.85 -4.19
N ILE C 69 8.17 -8.05 -4.71
CA ILE C 69 7.70 -9.28 -4.08
C ILE C 69 8.91 -10.19 -3.87
N ALA C 70 8.98 -10.82 -2.69
CA ALA C 70 10.09 -11.69 -2.34
C ALA C 70 10.20 -12.89 -3.28
N GLU C 71 9.35 -13.89 -3.07
CA GLU C 71 9.36 -15.13 -3.86
C GLU C 71 10.74 -15.80 -3.81
N TYR C 72 11.10 -16.28 -2.61
CA TYR C 72 12.39 -16.93 -2.40
C TYR C 72 12.32 -17.80 -1.15
N HIS C 73 12.55 -19.10 -1.33
CA HIS C 73 12.54 -20.04 -0.23
C HIS C 73 13.96 -20.53 -0.02
N HIS C 74 14.35 -21.67 -0.57
CA HIS C 74 15.69 -22.22 -0.40
C HIS C 74 16.52 -22.17 -1.67
N GLY C 75 15.95 -22.55 -2.81
CA GLY C 75 16.64 -22.54 -4.07
C GLY C 75 16.14 -21.46 -5.01
N THR C 76 16.61 -21.53 -6.25
CA THR C 76 16.27 -20.54 -7.27
C THR C 76 14.86 -20.78 -7.78
N TRP C 77 14.19 -19.70 -8.18
CA TRP C 77 12.83 -19.75 -8.69
C TRP C 77 12.75 -19.00 -10.02
N THR C 78 11.99 -19.55 -10.96
CA THR C 78 11.92 -18.95 -12.29
C THR C 78 11.13 -17.64 -12.27
N ASN C 79 10.20 -17.49 -11.33
CA ASN C 79 9.37 -16.30 -11.20
C ASN C 79 8.55 -16.02 -12.46
N HIS C 80 7.93 -14.84 -12.52
CA HIS C 80 7.12 -14.46 -13.66
C HIS C 80 6.85 -12.96 -13.66
N ALA C 81 7.90 -12.16 -13.88
CA ALA C 81 7.83 -10.71 -13.91
C ALA C 81 7.26 -10.16 -12.60
N PRO C 82 8.09 -9.93 -11.59
CA PRO C 82 7.57 -9.40 -10.32
C PRO C 82 7.06 -7.97 -10.41
N ARG C 83 7.51 -7.20 -11.40
CA ARG C 83 7.06 -5.82 -11.54
C ARG C 83 6.17 -5.69 -12.77
N ARG C 84 5.06 -6.39 -12.79
CA ARG C 84 4.12 -6.38 -13.90
C ARG C 84 2.95 -5.46 -13.57
N ASN C 85 1.94 -5.45 -14.45
CA ASN C 85 0.75 -4.63 -14.27
C ASN C 85 -0.33 -5.49 -13.63
N ARG C 86 -0.65 -5.21 -12.37
CA ARG C 86 -1.66 -5.96 -11.65
C ARG C 86 -2.92 -5.12 -11.44
N LYS C 87 -3.90 -5.32 -12.30
CA LYS C 87 -5.16 -4.59 -12.21
C LYS C 87 -5.83 -4.78 -10.85
N LEU C 88 -6.22 -3.68 -10.23
CA LEU C 88 -6.86 -3.73 -8.92
C LEU C 88 -8.38 -3.66 -9.05
N LEU C 89 -9.06 -4.68 -8.56
CA LEU C 89 -10.53 -4.73 -8.63
C LEU C 89 -11.15 -3.69 -7.70
N LEU C 90 -12.28 -3.14 -8.11
CA LEU C 90 -12.98 -2.14 -7.32
C LEU C 90 -14.43 -1.97 -7.79
N HIS C 91 -14.97 -0.77 -7.59
CA HIS C 91 -16.34 -0.48 -7.99
C HIS C 91 -16.43 0.87 -8.71
N ARG C 92 -16.92 0.85 -9.94
CA ARG C 92 -17.06 2.08 -10.72
C ARG C 92 -17.66 3.20 -9.89
N LYS C 93 -18.35 2.84 -8.82
CA LYS C 93 -18.98 3.81 -7.94
C LYS C 93 -17.95 4.51 -7.06
N GLN C 94 -16.78 3.90 -6.93
CA GLN C 94 -15.71 4.46 -6.13
C GLN C 94 -14.59 5.02 -7.01
N ILE C 95 -14.29 4.30 -8.10
CA ILE C 95 -13.24 4.72 -9.02
C ILE C 95 -13.48 6.14 -9.51
N ASP C 96 -14.65 6.37 -10.09
CA ASP C 96 -15.01 7.70 -10.61
C ASP C 96 -14.86 8.77 -9.55
N ASN C 97 -15.01 8.42 -8.27
CA ASN C 97 -14.85 9.37 -7.19
C ASN C 97 -13.40 9.53 -6.74
N LEU C 98 -12.47 8.86 -7.40
CA LEU C 98 -11.05 8.94 -7.06
C LEU C 98 -10.18 9.55 -8.14
N ILE C 99 -10.54 9.38 -9.41
CA ILE C 99 -9.75 9.97 -10.49
C ILE C 99 -9.81 11.49 -10.44
N GLY C 100 -10.99 12.05 -10.18
CA GLY C 100 -11.14 13.48 -10.10
C GLY C 100 -10.45 14.12 -8.91
N LYS C 101 -10.15 13.33 -7.88
CA LYS C 101 -9.46 13.83 -6.69
C LYS C 101 -7.98 13.59 -6.71
N ILE C 102 -7.51 12.52 -7.36
CA ILE C 102 -6.08 12.24 -7.42
C ILE C 102 -5.37 13.15 -8.40
N ARG C 103 -6.09 13.76 -9.34
CA ARG C 103 -5.53 14.66 -10.33
C ARG C 103 -5.92 16.11 -10.04
N ASP C 104 -5.83 16.50 -8.77
CA ASP C 104 -6.19 17.86 -8.37
C ASP C 104 -5.05 18.51 -7.60
N GLY C 105 -4.92 18.20 -6.31
CA GLY C 105 -3.88 18.76 -5.49
C GLY C 105 -2.65 17.86 -5.39
N ASN C 106 -2.34 17.15 -6.47
CA ASN C 106 -1.20 16.24 -6.53
C ASN C 106 -1.25 15.20 -5.42
N LEU C 107 -2.14 14.23 -5.55
CA LEU C 107 -2.32 13.18 -4.56
C LEU C 107 -1.79 11.86 -5.09
N THR C 108 -1.51 10.94 -4.17
CA THR C 108 -0.98 9.62 -4.50
C THR C 108 -1.98 8.56 -4.05
N LEU C 109 -1.54 7.29 -4.10
CA LEU C 109 -2.38 6.16 -3.71
C LEU C 109 -1.45 5.05 -3.22
N VAL C 110 -1.27 4.96 -1.92
CA VAL C 110 -0.39 3.96 -1.32
C VAL C 110 -1.23 2.97 -0.52
N PRO C 111 -0.84 1.70 -0.45
CA PRO C 111 -1.62 0.72 0.31
C PRO C 111 -1.37 0.86 1.80
N LEU C 112 -2.31 0.29 2.58
CA LEU C 112 -2.22 0.31 4.03
C LEU C 112 -1.96 -1.12 4.49
N SER C 113 -2.95 -1.84 5.00
CA SER C 113 -2.75 -3.20 5.49
C SER C 113 -3.00 -4.21 4.39
N ILE C 114 -2.29 -5.34 4.48
CA ILE C 114 -2.46 -6.44 3.54
C ILE C 114 -3.23 -7.56 4.24
N TYR C 115 -4.55 -7.54 4.08
CA TYR C 115 -5.42 -8.52 4.73
C TYR C 115 -5.40 -9.81 3.93
N PHE C 116 -4.81 -10.87 4.51
CA PHE C 116 -4.74 -12.18 3.88
C PHE C 116 -5.81 -13.06 4.50
N THR C 117 -6.91 -13.27 3.78
CA THR C 117 -8.01 -14.09 4.26
C THR C 117 -7.75 -15.56 3.99
N ASP C 118 -8.82 -16.34 3.88
CA ASP C 118 -8.72 -17.77 3.61
C ASP C 118 -8.14 -18.03 2.23
N GLY C 119 -6.83 -17.95 2.11
CA GLY C 119 -6.16 -18.18 0.84
C GLY C 119 -6.07 -16.92 -0.01
N LYS C 120 -7.19 -16.20 -0.12
CA LYS C 120 -7.23 -14.98 -0.90
C LYS C 120 -6.58 -13.83 -0.15
N VAL C 121 -6.55 -12.66 -0.77
CA VAL C 121 -5.95 -11.47 -0.16
C VAL C 121 -6.85 -10.25 -0.35
N LYS C 122 -6.49 -9.16 0.33
CA LYS C 122 -7.26 -7.92 0.24
C LYS C 122 -6.40 -6.71 0.60
N VAL C 123 -6.10 -5.88 -0.39
CA VAL C 123 -5.29 -4.69 -0.18
C VAL C 123 -6.18 -3.55 0.30
N GLU C 124 -5.60 -2.66 1.11
CA GLU C 124 -6.32 -1.53 1.70
C GLU C 124 -5.67 -0.24 1.19
N LEU C 125 -6.38 0.46 0.31
CA LEU C 125 -5.89 1.70 -0.27
C LEU C 125 -6.24 2.89 0.62
N ALA C 126 -5.65 4.04 0.30
CA ALA C 126 -5.88 5.25 1.05
C ALA C 126 -5.52 6.45 0.19
N LEU C 127 -6.25 7.55 0.37
CA LEU C 127 -6.02 8.80 -0.35
C LEU C 127 -5.54 9.84 0.66
N ALA C 128 -4.22 10.00 0.77
CA ALA C 128 -3.64 10.95 1.71
C ALA C 128 -2.68 11.91 1.02
N ARG C 129 -1.95 12.69 1.79
CA ARG C 129 -1.00 13.65 1.25
C ARG C 129 0.19 13.75 2.19
N GLY C 130 1.30 14.27 1.65
CA GLY C 130 2.53 14.37 2.41
C GLY C 130 2.44 15.39 3.53
N LYS C 131 3.45 15.37 4.40
CA LYS C 131 3.49 16.27 5.53
C LYS C 131 3.70 17.73 5.12
N GLN C 132 4.32 17.96 3.97
CA GLN C 132 4.59 19.31 3.48
C GLN C 132 3.46 19.78 2.57
N ALA C 133 3.37 21.09 2.40
CA ALA C 133 2.35 21.71 1.56
C ALA C 133 2.96 22.00 0.19
N HIS C 134 2.70 21.11 -0.76
CA HIS C 134 3.20 21.21 -2.14
C HIS C 134 4.74 21.21 -2.07
N ASP C 135 5.42 22.07 -2.83
CA ASP C 135 6.87 22.16 -2.83
C ASP C 135 7.28 23.62 -2.78
N LYS C 136 8.15 23.95 -1.82
CA LYS C 136 8.63 25.31 -1.66
C LYS C 136 10.16 25.41 -1.64
N ARG C 137 10.86 24.28 -1.66
CA ARG C 137 12.32 24.25 -1.69
C ARG C 137 12.93 24.98 -0.50
N GLN C 138 12.91 26.31 -0.54
CA GLN C 138 13.51 27.09 0.55
C GLN C 138 12.71 26.96 1.84
N ASP C 139 11.38 27.03 1.73
CA ASP C 139 10.51 26.94 2.89
C ASP C 139 10.18 25.51 3.29
N LEU C 140 10.55 24.51 2.47
CA LEU C 140 10.32 23.10 2.76
C LEU C 140 11.63 22.34 2.54
N ALA C 141 12.46 22.32 3.58
CA ALA C 141 13.74 21.62 3.52
C ALA C 141 14.20 21.20 4.91
N ARG C 142 13.80 21.95 5.93
CA ARG C 142 14.19 21.66 7.31
C ARG C 142 13.16 20.86 8.07
N ARG C 143 11.94 20.74 7.56
CA ARG C 143 10.88 19.99 8.24
C ARG C 143 10.63 18.62 7.63
N ASP C 144 10.98 18.41 6.37
CA ASP C 144 10.78 17.14 5.71
C ASP C 144 11.96 16.19 5.89
N ALA C 145 13.10 16.68 6.35
CA ALA C 145 14.28 15.85 6.57
C ALA C 145 14.69 15.75 8.02
N GLN C 146 13.92 16.34 8.95
CA GLN C 146 14.25 16.29 10.37
C GLN C 146 13.06 15.79 11.17
N ARG C 147 11.93 16.49 11.09
CA ARG C 147 10.73 16.08 11.82
C ARG C 147 10.09 14.85 11.21
N GLU C 148 10.17 14.68 9.89
CA GLU C 148 9.59 13.51 9.25
C GLU C 148 10.37 12.24 9.54
N VAL C 149 11.69 12.36 9.74
CA VAL C 149 12.51 11.18 10.04
C VAL C 149 12.18 10.66 11.44
N ILE C 150 11.88 11.55 12.37
CA ILE C 150 11.55 11.13 13.73
C ILE C 150 10.24 10.35 13.74
N ARG C 151 9.25 10.80 12.98
CA ARG C 151 7.98 10.09 12.91
C ARG C 151 8.10 8.76 12.17
N GLU C 152 9.13 8.59 11.34
CA GLU C 152 9.32 7.35 10.61
C GLU C 152 10.10 6.31 11.42
N LEU C 153 11.05 6.76 12.24
CA LEU C 153 11.85 5.85 13.05
C LEU C 153 11.32 5.70 14.48
N GLY C 154 10.32 6.50 14.87
CA GLY C 154 9.77 6.41 16.20
C GLY C 154 8.51 5.58 16.27
N ARG C 155 7.61 5.75 15.30
CA ARG C 155 6.37 4.99 15.26
C ARG C 155 6.55 3.56 14.79
N ARG C 156 7.68 3.24 14.17
CA ARG C 156 7.92 1.87 13.70
C ARG C 156 8.24 0.94 14.86
N ALA C 157 9.03 1.41 15.83
CA ALA C 157 9.39 0.57 16.96
C ALA C 157 8.25 0.42 17.96
N LYS C 158 7.25 1.30 17.91
CA LYS C 158 6.13 1.21 18.84
C LYS C 158 5.17 0.09 18.44
N GLY C 159 4.86 -0.02 17.16
CA GLY C 159 3.97 -1.06 16.67
C GLY C 159 4.70 -2.29 16.20
N LYS C 160 5.45 -2.93 17.09
CA LYS C 160 6.21 -4.14 16.78
C LYS C 160 7.17 -3.90 15.61
N ILE C 161 6.78 -4.34 14.43
CA ILE C 161 7.62 -4.17 13.24
C ILE C 161 7.54 -2.74 12.73
#